data_6M49
#
_entry.id   6M49
#
_cell.length_a   1.00
_cell.length_b   1.00
_cell.length_c   1.00
_cell.angle_alpha   90.00
_cell.angle_beta   90.00
_cell.angle_gamma   90.00
#
_symmetry.space_group_name_H-M   'P 1'
#
loop_
_entity.id
_entity.type
_entity.pdbx_description
1 polymer 'Insulin-induced gene 2 protein'
2 polymer 'Sterol regulatory element-binding protein cleavage-activating protein,Sterol regulatory element-binding protein cleavage-activating protein'
3 non-polymer 25-HYDROXYCHOLESTEROL
#
loop_
_entity_poly.entity_id
_entity_poly.type
_entity_poly.pdbx_seq_one_letter_code
_entity_poly.pdbx_strand_id
1 'polypeptide(L)'
;MAEGETESPGPKKSGPYISSVTSQSVNLMIRGVVLFFIGVFLALVLNLLQIQRNVTLFPPDVIASIFSSAWWVPPCCGTA
SAVIGLLYPSIDRHLGEPHKFKREWSSVMRCVAVFVGINHASAKVDFDNNIQLSLTLAALSIGLWWTFDRSRSGFGLGVG
IAFLATVVTQLLVYNGVYQYTSPDFLYVRSWLPCIFFAGGITMGNIGRQLAMYESKVIAEKSHQE
;
A
2 'polypeptide(L)'
;MTLTERLREKISRAFYNHGLLCASYPIPIILFTGFCILACCYPLLKLPLPGTVPGKYSGVSLYTRKRMVSYTITLVFQHY
HAKFLGSLRARLMLLHPSPNCSLRAESLVHVHFKEEIGVAELIPLVTTYIILFAYIYFSTRKIDMVKSKWGLALAAVVTV
LSSLLMSVGLCTLFGLTPTLNGGEIFPYLVVVIGLENVLVLTKSVVSTPVDLEVKLRIAQGLSSESWSIMKNMATELGII
LIGYFTLVPAIQEFCLFAVVGLVSDFFLQMLFFTTVLSIDIRRMELADLNKRLPPEACLPSAKPVGQPTRYERQLAVRPS
TPHTITLQPSSFRNLRLPKRLRVVYFLARTRLAQRLIMAGTVVWIGILVYTDPAGLRNYLAAQVTEQSPLGEGALAPMPV
PSGMLPPSHPDPAFSIFPPDAPKLPENQTSPGESPERGGPAEVVHDSPVPEVTWGPEDEELWRKLSFRHWPTLFSYYNIT
LAKRYISLLPVIPVTLRLNPREALEGRHPQDGRSAWPPPGPIPAGHWEAGPKGPGGVQAHGDVTLYKVAALGLATGIVLV
LLLLCLYRVLCP
;
B
#
loop_
_chem_comp.id
_chem_comp.type
_chem_comp.name
_chem_comp.formula
HC3 non-polymer 25-HYDROXYCHOLESTEROL 'C27 H46 O2'
#
# COMPACT_ATOMS: atom_id res chain seq x y z
N ILE A 18 8.19 12.80 41.46
CA ILE A 18 8.46 11.48 40.89
C ILE A 18 7.36 11.07 39.91
N SER A 19 6.20 11.71 40.02
CA SER A 19 5.08 11.35 39.16
C SER A 19 5.40 11.63 37.69
N SER A 20 6.12 12.72 37.41
CA SER A 20 6.41 13.05 36.01
C SER A 20 7.33 12.02 35.37
N VAL A 21 8.38 11.61 36.09
CA VAL A 21 9.27 10.57 35.58
C VAL A 21 8.50 9.28 35.38
N THR A 22 7.60 8.97 36.31
CA THR A 22 6.75 7.79 36.18
C THR A 22 5.87 7.89 34.95
N SER A 23 5.43 9.10 34.59
CA SER A 23 4.63 9.28 33.38
C SER A 23 5.39 8.81 32.15
N GLN A 24 6.65 9.24 32.02
CA GLN A 24 7.46 8.82 30.88
C GLN A 24 7.70 7.32 30.89
N SER A 25 8.17 6.80 32.03
CA SER A 25 8.44 5.36 32.13
C SER A 25 7.22 4.55 31.76
N VAL A 26 6.05 4.91 32.29
CA VAL A 26 4.84 4.13 32.02
C VAL A 26 4.28 4.38 30.63
N ASN A 27 4.60 5.52 30.01
CA ASN A 27 4.28 5.68 28.59
C ASN A 27 5.04 4.65 27.78
N LEU A 28 6.35 4.56 28.01
CA LEU A 28 7.13 3.48 27.43
C LEU A 28 6.48 2.12 27.70
N MET A 29 6.09 1.91 28.95
CA MET A 29 5.47 0.64 29.35
C MET A 29 4.26 0.31 28.48
N ILE A 30 3.27 1.21 28.49
CA ILE A 30 2.02 0.95 27.78
C ILE A 30 2.28 0.77 26.29
N ARG A 31 3.26 1.50 25.75
CA ARG A 31 3.57 1.35 24.34
C ARG A 31 4.04 -0.07 24.06
N GLY A 32 4.99 -0.55 24.85
CA GLY A 32 5.44 -1.92 24.68
C GLY A 32 4.31 -2.93 24.86
N VAL A 33 3.41 -2.65 25.80
CA VAL A 33 2.29 -3.56 26.07
C VAL A 33 1.40 -3.67 24.84
N VAL A 34 0.98 -2.53 24.31
CA VAL A 34 0.11 -2.55 23.14
C VAL A 34 0.80 -3.27 21.99
N LEU A 35 2.09 -2.99 21.79
CA LEU A 35 2.82 -3.68 20.74
C LEU A 35 2.77 -5.19 20.97
N PHE A 36 2.95 -5.60 22.22
CA PHE A 36 2.85 -7.01 22.59
C PHE A 36 1.54 -7.61 22.11
N PHE A 37 0.45 -6.95 22.46
CA PHE A 37 -0.87 -7.49 22.15
C PHE A 37 -1.08 -7.56 20.65
N ILE A 38 -0.59 -6.55 19.92
CA ILE A 38 -0.71 -6.57 18.47
C ILE A 38 0.08 -7.74 17.89
N GLY A 39 1.26 -8.00 18.42
CA GLY A 39 2.04 -9.12 17.93
C GLY A 39 1.34 -10.45 18.19
N VAL A 40 0.71 -10.57 19.36
CA VAL A 40 -0.08 -11.76 19.66
C VAL A 40 -1.14 -11.96 18.59
N PHE A 41 -1.96 -10.94 18.41
CA PHE A 41 -3.00 -10.97 17.39
C PHE A 41 -2.43 -11.41 16.05
N LEU A 42 -1.29 -10.85 15.67
CA LEU A 42 -0.76 -11.09 14.34
C LEU A 42 -0.31 -12.54 14.17
N ALA A 43 0.42 -13.07 15.15
CA ALA A 43 0.86 -14.45 15.07
C ALA A 43 -0.34 -15.40 15.03
N LEU A 44 -1.30 -15.16 15.92
CA LEU A 44 -2.56 -15.90 15.86
C LEU A 44 -3.09 -15.97 14.43
N VAL A 45 -3.29 -14.80 13.83
CA VAL A 45 -3.93 -14.74 12.52
C VAL A 45 -3.12 -15.51 11.49
N LEU A 46 -1.83 -15.22 11.39
CA LEU A 46 -1.04 -15.84 10.33
C LEU A 46 -0.98 -17.35 10.53
N ASN A 47 -0.92 -17.82 11.78
CA ASN A 47 -0.93 -19.25 12.01
C ASN A 47 -2.24 -19.85 11.52
N LEU A 48 -3.34 -19.20 11.86
CA LEU A 48 -4.63 -19.60 11.32
C LEU A 48 -4.56 -19.72 9.80
N LEU A 49 -3.88 -18.76 9.17
CA LEU A 49 -3.78 -18.76 7.72
C LEU A 49 -3.08 -20.01 7.22
N GLN A 50 -1.81 -20.19 7.61
CA GLN A 50 -0.91 -21.28 7.14
C GLN A 50 -1.46 -22.69 7.43
N ILE A 51 -2.44 -22.84 8.32
CA ILE A 51 -2.93 -24.16 8.68
C ILE A 51 -4.16 -24.55 7.89
N GLN A 52 -4.58 -23.74 6.92
CA GLN A 52 -5.84 -23.96 6.16
C GLN A 52 -5.73 -25.13 5.17
N ARG A 53 -4.72 -25.98 5.28
CA ARG A 53 -4.50 -27.09 4.30
C ARG A 53 -4.76 -28.47 4.93
N ASN A 54 -5.43 -28.53 6.10
CA ASN A 54 -5.66 -29.82 6.72
C ASN A 54 -6.83 -29.72 7.69
N ASP A 61 -15.04 -26.51 16.34
CA ASP A 61 -15.29 -25.19 16.92
C ASP A 61 -14.27 -24.24 16.32
N VAL A 62 -14.72 -23.42 15.35
CA VAL A 62 -13.81 -22.57 14.59
C VAL A 62 -12.91 -21.78 15.54
N ILE A 63 -13.48 -21.31 16.66
CA ILE A 63 -12.66 -20.63 17.66
C ILE A 63 -11.62 -21.60 18.21
N ALA A 64 -12.04 -22.83 18.51
CA ALA A 64 -11.07 -23.82 18.99
C ALA A 64 -10.07 -24.17 17.91
N SER A 65 -10.54 -24.32 16.67
CA SER A 65 -9.65 -24.64 15.57
C SER A 65 -8.58 -23.56 15.42
N ILE A 66 -8.95 -22.31 15.69
CA ILE A 66 -7.97 -21.22 15.60
C ILE A 66 -6.95 -21.33 16.73
N PHE A 67 -7.40 -21.64 17.94
CA PHE A 67 -6.53 -21.67 19.11
C PHE A 67 -5.74 -22.97 19.12
N SER A 68 -4.73 -23.03 18.27
CA SER A 68 -3.79 -24.15 18.23
C SER A 68 -2.39 -23.67 18.58
N SER A 69 -1.53 -24.62 18.94
CA SER A 69 -0.16 -24.31 19.37
C SER A 69 -0.18 -23.33 20.56
N ALA A 70 -0.73 -23.82 21.67
CA ALA A 70 -1.08 -22.97 22.81
C ALA A 70 0.11 -22.56 23.66
N TRP A 71 1.32 -23.06 23.41
CA TRP A 71 2.41 -22.96 24.39
C TRP A 71 3.51 -22.02 23.96
N TRP A 72 4.10 -22.21 22.79
CA TRP A 72 5.33 -21.51 22.44
C TRP A 72 5.11 -20.17 21.75
N VAL A 73 4.18 -20.12 20.79
CA VAL A 73 4.17 -19.03 19.82
C VAL A 73 3.71 -17.70 20.42
N PRO A 74 2.59 -17.63 21.13
CA PRO A 74 2.07 -16.33 21.56
C PRO A 74 3.10 -15.58 22.37
N PRO A 75 3.76 -16.23 23.33
CA PRO A 75 4.81 -15.51 24.08
C PRO A 75 5.95 -15.05 23.21
N CYS A 76 6.54 -15.94 22.42
CA CYS A 76 7.72 -15.60 21.65
C CYS A 76 7.45 -14.45 20.70
N CYS A 77 6.40 -14.57 19.88
CA CYS A 77 6.15 -13.51 18.90
C CYS A 77 5.84 -12.20 19.60
N GLY A 78 4.99 -12.24 20.62
CA GLY A 78 4.61 -11.01 21.29
C GLY A 78 5.80 -10.32 21.93
N THR A 79 6.57 -11.04 22.73
CA THR A 79 7.68 -10.43 23.42
C THR A 79 8.75 -9.95 22.45
N ALA A 80 9.04 -10.74 21.42
CA ALA A 80 10.03 -10.29 20.44
C ALA A 80 9.56 -9.01 19.78
N SER A 81 8.30 -8.95 19.40
CA SER A 81 7.76 -7.74 18.82
C SER A 81 7.94 -6.55 19.76
N ALA A 82 7.52 -6.70 21.00
CA ALA A 82 7.54 -5.58 21.93
C ALA A 82 8.97 -5.11 22.19
N VAL A 83 9.90 -6.05 22.29
CA VAL A 83 11.29 -5.66 22.53
C VAL A 83 11.86 -4.96 21.32
N ILE A 84 11.57 -5.48 20.13
CA ILE A 84 12.01 -4.83 18.89
C ILE A 84 11.55 -3.37 18.88
N GLY A 85 10.28 -3.18 19.14
CA GLY A 85 9.69 -1.86 19.12
C GLY A 85 10.38 -0.96 20.12
N LEU A 86 10.45 -1.41 21.37
CA LEU A 86 11.13 -0.63 22.39
C LEU A 86 12.56 -0.32 22.01
N LEU A 87 13.19 -1.18 21.22
CA LEU A 87 14.62 -1.11 21.04
C LEU A 87 15.03 -0.14 19.95
N TYR A 88 14.43 -0.26 18.77
CA TYR A 88 14.89 0.56 17.65
C TYR A 88 14.98 2.03 18.00
N PRO A 89 13.92 2.66 18.51
CA PRO A 89 13.98 4.08 18.83
C PRO A 89 15.06 4.43 19.82
N SER A 90 15.24 3.60 20.85
CA SER A 90 16.18 3.95 21.91
C SER A 90 17.62 3.91 21.44
N ILE A 91 17.97 3.02 20.53
CA ILE A 91 19.31 3.01 20.00
C ILE A 91 19.48 4.16 19.02
N ASP A 92 18.44 4.48 18.25
CA ASP A 92 18.51 5.67 17.41
C ASP A 92 18.81 6.90 18.26
N ARG A 93 17.99 7.11 19.31
CA ARG A 93 18.17 8.26 20.18
C ARG A 93 19.53 8.30 20.83
N HIS A 94 19.97 7.19 21.42
CA HIS A 94 21.24 7.16 22.13
C HIS A 94 22.43 7.01 21.19
N LEU A 95 22.18 6.99 19.89
CA LEU A 95 23.26 7.03 18.91
C LEU A 95 23.28 8.34 18.13
N GLY A 96 22.17 8.70 17.49
CA GLY A 96 22.17 9.86 16.64
C GLY A 96 20.79 10.31 16.19
N GLU A 97 20.70 10.67 14.91
CA GLU A 97 19.48 11.26 14.38
C GLU A 97 18.35 10.23 14.36
N PRO A 98 17.12 10.65 14.65
CA PRO A 98 15.98 9.75 14.42
C PRO A 98 15.74 9.55 12.94
N HIS A 99 14.64 8.88 12.60
CA HIS A 99 14.31 8.65 11.20
C HIS A 99 13.44 9.77 10.64
N LYS A 100 13.51 9.94 9.33
CA LYS A 100 12.72 10.96 8.65
C LYS A 100 12.50 10.46 7.23
N PHE A 101 11.33 9.87 6.98
CA PHE A 101 11.04 9.22 5.71
C PHE A 101 9.52 9.17 5.58
N LYS A 102 9.02 8.26 4.74
CA LYS A 102 7.58 8.06 4.61
C LYS A 102 6.97 7.60 5.92
N ARG A 103 7.76 7.47 6.97
CA ARG A 103 7.29 6.88 8.22
C ARG A 103 6.24 7.79 8.82
N GLU A 104 5.05 7.64 8.24
CA GLU A 104 3.76 8.29 8.60
C GLU A 104 2.75 7.14 8.72
N TRP A 105 1.77 7.26 9.63
CA TRP A 105 0.81 6.19 9.86
C TRP A 105 0.53 5.40 8.59
N SER A 106 0.19 6.12 7.53
CA SER A 106 -0.21 5.50 6.27
C SER A 106 0.80 4.45 5.84
N SER A 107 2.08 4.82 5.81
CA SER A 107 3.09 3.88 5.36
C SER A 107 3.15 2.66 6.27
N VAL A 108 2.84 2.83 7.55
CA VAL A 108 2.91 1.72 8.49
C VAL A 108 1.79 0.72 8.23
N MET A 109 0.56 1.22 8.13
CA MET A 109 -0.53 0.36 7.71
C MET A 109 -0.18 -0.38 6.43
N ARG A 110 0.41 0.34 5.48
CA ARG A 110 0.86 -0.28 4.24
C ARG A 110 1.80 -1.44 4.54
N CYS A 111 2.77 -1.21 5.43
CA CYS A 111 3.73 -2.26 5.77
C CYS A 111 3.02 -3.49 6.30
N VAL A 112 2.08 -3.29 7.23
CA VAL A 112 1.38 -4.42 7.81
C VAL A 112 0.66 -5.21 6.74
N ALA A 113 -0.05 -4.50 5.85
CA ALA A 113 -0.79 -5.20 4.81
C ALA A 113 0.14 -6.00 3.92
N VAL A 114 1.28 -5.42 3.55
CA VAL A 114 2.22 -6.15 2.73
C VAL A 114 2.76 -7.35 3.48
N PHE A 115 2.96 -7.20 4.78
CA PHE A 115 3.47 -8.28 5.60
C PHE A 115 2.52 -9.47 5.57
N VAL A 116 1.23 -9.20 5.74
CA VAL A 116 0.24 -10.26 5.66
C VAL A 116 0.24 -10.86 4.27
N GLY A 117 0.26 -10.03 3.23
CA GLY A 117 0.27 -10.55 1.88
C GLY A 117 1.42 -11.51 1.65
N ILE A 118 2.59 -11.16 2.16
CA ILE A 118 3.76 -12.00 1.91
C ILE A 118 3.69 -13.27 2.73
N ASN A 119 3.26 -13.17 3.99
CA ASN A 119 3.03 -14.37 4.77
C ASN A 119 2.00 -15.27 4.13
N HIS A 120 1.09 -14.69 3.36
CA HIS A 120 0.05 -15.44 2.68
C HIS A 120 0.62 -16.19 1.50
N ALA A 121 1.45 -15.52 0.71
CA ALA A 121 2.12 -16.21 -0.38
C ALA A 121 2.86 -17.45 0.08
N SER A 122 3.27 -17.50 1.36
CA SER A 122 4.08 -18.62 1.82
C SER A 122 3.33 -19.93 1.72
N ALA A 123 2.02 -19.91 1.95
CA ALA A 123 1.22 -21.12 2.08
C ALA A 123 0.38 -21.39 0.84
N LYS A 124 -0.47 -20.43 0.47
CA LYS A 124 -1.45 -20.54 -0.64
C LYS A 124 -0.80 -20.74 -2.02
N VAL A 125 0.51 -21.00 -2.11
CA VAL A 125 1.14 -21.17 -3.40
C VAL A 125 2.13 -22.33 -3.35
N ASP A 126 2.41 -22.88 -4.53
CA ASP A 126 3.33 -24.00 -4.69
C ASP A 126 4.32 -23.67 -5.79
N PHE A 127 5.59 -23.91 -5.53
CA PHE A 127 6.65 -23.68 -6.50
C PHE A 127 7.25 -25.01 -6.93
N ASP A 128 7.96 -24.96 -8.05
CA ASP A 128 8.64 -26.15 -8.57
C ASP A 128 9.89 -26.48 -7.77
N ASN A 129 10.46 -25.50 -7.06
CA ASN A 129 11.71 -25.71 -6.35
C ASN A 129 11.71 -24.85 -5.09
N ASN A 130 12.86 -24.84 -4.42
CA ASN A 130 13.07 -24.00 -3.25
C ASN A 130 13.80 -22.71 -3.60
N ILE A 131 14.68 -22.75 -4.61
CA ILE A 131 15.46 -21.56 -4.93
C ILE A 131 14.54 -20.40 -5.31
N GLN A 132 13.53 -20.69 -6.12
CA GLN A 132 12.58 -19.63 -6.48
C GLN A 132 11.95 -19.04 -5.23
N LEU A 133 11.51 -19.89 -4.31
CA LEU A 133 10.88 -19.42 -3.10
C LEU A 133 11.81 -18.50 -2.31
N SER A 134 12.99 -19.02 -1.96
CA SER A 134 13.90 -18.25 -1.11
C SER A 134 14.31 -16.95 -1.78
N LEU A 135 14.68 -17.00 -3.06
CA LEU A 135 15.12 -15.82 -3.76
C LEU A 135 13.99 -14.79 -3.83
N THR A 136 12.80 -15.23 -4.23
CA THR A 136 11.65 -14.35 -4.22
C THR A 136 11.51 -13.65 -2.89
N LEU A 137 11.49 -14.43 -1.82
CA LEU A 137 11.21 -13.85 -0.51
C LEU A 137 12.30 -12.87 -0.09
N ALA A 138 13.55 -13.21 -0.36
CA ALA A 138 14.64 -12.30 -0.02
C ALA A 138 14.52 -11.00 -0.79
N ALA A 139 14.41 -11.10 -2.12
CA ALA A 139 14.30 -9.90 -2.93
C ALA A 139 13.08 -9.10 -2.53
N LEU A 140 12.03 -9.77 -2.07
CA LEU A 140 10.81 -9.07 -1.71
C LEU A 140 11.00 -8.27 -0.45
N SER A 141 11.50 -8.91 0.60
CA SER A 141 11.78 -8.17 1.82
C SER A 141 12.74 -7.03 1.54
N ILE A 142 13.67 -7.24 0.61
CA ILE A 142 14.60 -6.18 0.23
C ILE A 142 13.84 -4.98 -0.34
N GLY A 143 13.03 -5.23 -1.35
CA GLY A 143 12.21 -4.17 -1.93
C GLY A 143 11.38 -3.47 -0.87
N LEU A 144 10.74 -4.25 -0.01
CA LEU A 144 10.01 -3.68 1.11
C LEU A 144 10.87 -2.68 1.85
N TRP A 145 12.00 -3.14 2.37
CA TRP A 145 12.86 -2.26 3.16
C TRP A 145 13.12 -0.97 2.40
N TRP A 146 13.64 -1.08 1.18
CA TRP A 146 13.91 0.13 0.41
C TRP A 146 12.66 0.98 0.26
N THR A 147 11.49 0.39 0.42
CA THR A 147 10.28 1.15 0.20
C THR A 147 9.78 1.84 1.46
N PHE A 148 9.90 1.20 2.61
CA PHE A 148 9.32 1.71 3.85
C PHE A 148 10.37 2.06 4.89
N ASP A 149 11.64 1.76 4.65
CA ASP A 149 12.72 2.31 5.45
C ASP A 149 14.05 2.09 4.76
N ARG A 150 14.75 3.17 4.44
CA ARG A 150 16.03 3.09 3.75
C ARG A 150 17.18 3.26 4.72
N SER A 151 16.96 2.93 5.99
CA SER A 151 18.01 3.06 6.99
C SER A 151 19.17 2.13 6.67
N ARG A 152 20.38 2.68 6.70
CA ARG A 152 21.57 1.85 6.64
C ARG A 152 21.72 0.94 7.86
N SER A 153 20.86 1.10 8.86
CA SER A 153 20.94 0.36 10.11
C SER A 153 19.89 -0.74 10.22
N GLY A 154 18.63 -0.41 9.98
CA GLY A 154 17.54 -1.36 10.14
C GLY A 154 17.88 -2.75 9.67
N PHE A 155 18.50 -2.81 8.49
CA PHE A 155 18.99 -4.06 7.94
C PHE A 155 19.74 -4.86 9.00
N GLY A 156 20.65 -4.20 9.71
CA GLY A 156 21.50 -4.91 10.64
C GLY A 156 20.72 -5.65 11.70
N LEU A 157 19.83 -4.95 12.38
CA LEU A 157 19.10 -5.58 13.48
C LEU A 157 18.09 -6.57 12.96
N GLY A 158 17.44 -6.25 11.85
CA GLY A 158 16.54 -7.21 11.23
C GLY A 158 17.23 -8.54 11.00
N VAL A 159 18.40 -8.50 10.37
CA VAL A 159 19.08 -9.74 10.04
C VAL A 159 19.60 -10.42 11.29
N GLY A 160 20.05 -9.65 12.27
CA GLY A 160 20.49 -10.25 13.52
C GLY A 160 19.39 -11.06 14.16
N ILE A 161 18.20 -10.47 14.28
CA ILE A 161 17.12 -11.14 14.97
C ILE A 161 16.60 -12.30 14.14
N ALA A 162 16.63 -12.16 12.81
CA ALA A 162 16.31 -13.28 11.94
C ALA A 162 17.22 -14.46 12.26
N PHE A 163 18.52 -14.24 12.16
CA PHE A 163 19.51 -15.22 12.57
C PHE A 163 19.13 -15.89 13.88
N LEU A 164 18.84 -15.06 14.89
CA LEU A 164 18.67 -15.56 16.24
C LEU A 164 17.42 -16.43 16.36
N ALA A 165 16.27 -15.91 15.92
CA ALA A 165 15.04 -16.68 15.99
C ALA A 165 15.16 -17.98 15.19
N THR A 166 15.82 -17.91 14.03
CA THR A 166 15.99 -19.11 13.23
C THR A 166 16.75 -20.17 14.00
N VAL A 167 17.87 -19.79 14.60
CA VAL A 167 18.70 -20.80 15.26
C VAL A 167 18.01 -21.32 16.52
N VAL A 168 17.31 -20.46 17.26
CA VAL A 168 16.65 -20.93 18.47
C VAL A 168 15.51 -21.88 18.14
N THR A 169 14.82 -21.63 17.03
CA THR A 169 13.83 -22.59 16.56
C THR A 169 14.51 -23.89 16.14
N GLN A 170 15.59 -23.79 15.36
CA GLN A 170 16.34 -24.97 14.96
C GLN A 170 16.79 -25.79 16.15
N LEU A 171 17.00 -25.15 17.30
CA LEU A 171 17.37 -25.89 18.51
C LEU A 171 16.17 -26.48 19.23
N LEU A 172 15.08 -25.73 19.34
CA LEU A 172 13.92 -26.26 20.05
C LEU A 172 13.29 -27.44 19.33
N VAL A 173 13.79 -27.82 18.16
CA VAL A 173 13.28 -28.99 17.43
C VAL A 173 14.10 -30.24 17.69
N TYR A 174 15.21 -30.14 18.42
CA TYR A 174 15.95 -31.31 18.86
C TYR A 174 15.16 -32.12 19.88
N ASN A 175 13.99 -31.63 20.28
CA ASN A 175 13.22 -32.23 21.36
C ASN A 175 12.01 -33.02 20.88
N PHE A 185 13.97 -30.92 4.80
CA PHE A 185 14.08 -29.95 3.70
C PHE A 185 12.66 -29.55 3.31
N LEU A 186 12.20 -28.43 3.85
CA LEU A 186 10.83 -27.98 3.64
C LEU A 186 10.75 -26.51 4.03
N TYR A 187 9.54 -25.95 3.98
CA TYR A 187 9.32 -24.57 4.36
C TYR A 187 9.89 -24.28 5.75
N VAL A 188 10.03 -25.31 6.58
CA VAL A 188 10.58 -25.15 7.92
C VAL A 188 11.89 -24.38 7.90
N ARG A 189 12.63 -24.44 6.79
CA ARG A 189 13.95 -23.84 6.70
C ARG A 189 14.03 -22.66 5.74
N SER A 190 12.92 -22.26 5.11
CA SER A 190 12.97 -21.25 4.07
C SER A 190 12.30 -19.95 4.47
N TRP A 191 11.02 -19.99 4.84
CA TRP A 191 10.28 -18.76 5.05
C TRP A 191 10.37 -18.24 6.47
N LEU A 192 10.67 -19.11 7.43
CA LEU A 192 10.88 -18.68 8.80
C LEU A 192 11.82 -17.49 8.85
N PRO A 193 13.01 -17.58 8.26
CA PRO A 193 13.97 -16.48 8.42
C PRO A 193 13.50 -15.17 7.81
N CYS A 194 13.09 -15.19 6.54
CA CYS A 194 12.69 -13.94 5.90
C CYS A 194 11.49 -13.33 6.58
N ILE A 195 10.54 -14.15 7.03
CA ILE A 195 9.38 -13.59 7.70
C ILE A 195 9.77 -13.04 9.07
N PHE A 196 10.68 -13.70 9.77
CA PHE A 196 11.21 -13.12 11.00
C PHE A 196 11.78 -11.74 10.72
N PHE A 197 12.60 -11.64 9.68
CA PHE A 197 13.23 -10.36 9.34
C PHE A 197 12.18 -9.30 9.04
N ALA A 198 11.20 -9.64 8.21
CA ALA A 198 10.18 -8.68 7.84
C ALA A 198 9.38 -8.24 9.06
N GLY A 199 9.04 -9.19 9.92
CA GLY A 199 8.33 -8.83 11.13
C GLY A 199 9.15 -7.89 11.99
N GLY A 200 10.46 -8.11 12.01
CA GLY A 200 11.32 -7.22 12.77
C GLY A 200 11.27 -5.81 12.24
N ILE A 201 11.46 -5.67 10.92
CA ILE A 201 11.40 -4.35 10.32
C ILE A 201 10.07 -3.68 10.63
N THR A 202 8.98 -4.41 10.40
CA THR A 202 7.66 -3.82 10.61
C THR A 202 7.49 -3.36 12.05
N MET A 203 7.88 -4.20 13.00
CA MET A 203 7.72 -3.85 14.41
C MET A 203 8.58 -2.64 14.77
N GLY A 204 9.83 -2.63 14.30
CA GLY A 204 10.68 -1.49 14.60
C GLY A 204 10.13 -0.21 14.02
N ASN A 205 9.54 -0.29 12.83
CA ASN A 205 8.92 0.88 12.24
C ASN A 205 7.78 1.36 13.12
N ILE A 206 6.91 0.44 13.51
CA ILE A 206 5.77 0.83 14.33
C ILE A 206 6.25 1.48 15.61
N GLY A 207 7.35 0.97 16.15
CA GLY A 207 7.85 1.52 17.41
C GLY A 207 8.41 2.92 17.23
N ARG A 208 9.21 3.12 16.19
CA ARG A 208 9.79 4.45 15.99
C ARG A 208 8.70 5.46 15.71
N GLN A 209 7.63 5.05 15.02
CA GLN A 209 6.54 5.97 14.73
C GLN A 209 5.73 6.26 15.98
N LEU A 210 5.41 5.23 16.77
CA LEU A 210 4.70 5.45 18.01
C LEU A 210 5.53 6.22 19.01
N ALA A 211 6.84 6.25 18.83
CA ALA A 211 7.69 7.11 19.65
C ALA A 211 7.61 8.55 19.15
N MET A 212 7.79 8.76 17.85
CA MET A 212 7.64 10.10 17.31
C MET A 212 6.29 10.68 17.69
N TYR A 213 5.30 9.83 17.98
CA TYR A 213 4.13 10.30 18.69
C TYR A 213 4.62 11.10 19.89
N GLU A 214 5.33 10.44 20.79
CA GLU A 214 6.02 11.09 21.91
C GLU A 214 6.99 10.11 22.56
N GLU B 5 20.33 15.64 -17.98
CA GLU B 5 20.44 16.74 -18.92
C GLU B 5 19.22 17.64 -18.84
N ARG B 6 19.09 18.55 -19.81
CA ARG B 6 17.95 19.47 -19.84
C ARG B 6 16.62 18.76 -20.05
N LEU B 7 16.62 17.44 -20.28
CA LEU B 7 15.39 16.70 -20.52
C LEU B 7 14.30 17.11 -19.53
N ARG B 8 14.63 17.10 -18.25
CA ARG B 8 13.63 17.40 -17.24
C ARG B 8 12.93 18.71 -17.56
N GLU B 9 13.69 19.78 -17.80
CA GLU B 9 13.07 21.05 -18.16
C GLU B 9 12.10 20.85 -19.31
N LYS B 10 12.59 20.26 -20.41
CA LYS B 10 11.69 20.02 -21.53
C LYS B 10 10.43 19.33 -21.06
N ILE B 11 10.57 18.24 -20.30
CA ILE B 11 9.41 17.56 -19.76
C ILE B 11 8.50 18.58 -19.11
N SER B 12 9.01 19.25 -18.08
CA SER B 12 8.19 20.23 -17.38
C SER B 12 7.52 21.17 -18.37
N ARG B 13 8.31 21.76 -19.29
CA ARG B 13 7.72 22.69 -20.24
C ARG B 13 6.50 22.09 -20.89
N ALA B 14 6.69 20.96 -21.59
CA ALA B 14 5.54 20.37 -22.26
C ALA B 14 4.51 19.93 -21.25
N PHE B 15 4.95 19.32 -20.14
CA PHE B 15 4.00 18.93 -19.12
C PHE B 15 3.24 20.15 -18.64
N TYR B 16 3.95 21.26 -18.47
CA TYR B 16 3.30 22.49 -18.04
C TYR B 16 2.31 22.95 -19.10
N ASN B 17 2.71 22.86 -20.38
CA ASN B 17 1.76 23.15 -21.44
C ASN B 17 0.54 22.24 -21.32
N HIS B 18 0.76 20.96 -21.05
CA HIS B 18 -0.37 20.06 -20.89
C HIS B 18 -1.26 20.51 -19.75
N GLY B 19 -0.67 21.04 -18.69
CA GLY B 19 -1.48 21.62 -17.63
C GLY B 19 -2.34 22.74 -18.15
N LEU B 20 -1.72 23.67 -18.88
CA LEU B 20 -2.50 24.74 -19.52
C LEU B 20 -3.61 24.15 -20.37
N LEU B 21 -3.36 23.00 -20.98
CA LEU B 21 -4.41 22.32 -21.73
C LEU B 21 -5.44 21.71 -20.78
N CYS B 22 -4.96 20.99 -19.77
CA CYS B 22 -5.87 20.25 -18.89
C CYS B 22 -6.99 21.15 -18.38
N ALA B 23 -6.67 22.39 -18.04
CA ALA B 23 -7.62 23.30 -17.41
C ALA B 23 -8.18 24.33 -18.37
N SER B 24 -7.71 24.38 -19.61
CA SER B 24 -8.30 25.29 -20.56
C SER B 24 -9.80 25.04 -20.69
N TYR B 25 -10.20 23.76 -20.66
CA TYR B 25 -11.60 23.38 -20.69
C TYR B 25 -11.75 22.02 -20.05
N PRO B 26 -12.53 21.89 -18.97
CA PRO B 26 -12.50 20.67 -18.17
C PRO B 26 -13.41 19.55 -18.67
N ILE B 27 -14.55 19.92 -19.25
CA ILE B 27 -15.65 19.00 -19.51
C ILE B 27 -15.26 17.94 -20.53
N PRO B 28 -14.86 18.33 -21.77
CA PRO B 28 -14.51 17.32 -22.77
C PRO B 28 -13.64 16.22 -22.21
N ILE B 29 -12.69 16.61 -21.37
CA ILE B 29 -11.80 15.62 -20.77
C ILE B 29 -12.60 14.62 -19.95
N ILE B 30 -13.53 15.12 -19.15
CA ILE B 30 -14.33 14.24 -18.32
C ILE B 30 -15.12 13.29 -19.21
N LEU B 31 -16.02 13.84 -20.03
CA LEU B 31 -16.82 12.99 -20.90
C LEU B 31 -15.97 11.95 -21.59
N PHE B 32 -14.79 12.35 -22.05
CA PHE B 32 -13.91 11.43 -22.75
C PHE B 32 -13.50 10.28 -21.85
N THR B 33 -13.06 10.60 -20.63
CA THR B 33 -12.59 9.56 -19.73
C THR B 33 -13.73 8.64 -19.29
N GLY B 34 -14.88 9.22 -18.99
CA GLY B 34 -16.03 8.41 -18.63
C GLY B 34 -16.42 7.45 -19.74
N PHE B 35 -16.49 7.96 -20.97
CA PHE B 35 -16.82 7.11 -22.10
C PHE B 35 -15.79 5.99 -22.25
N CYS B 36 -14.50 6.33 -22.11
CA CYS B 36 -13.47 5.31 -22.31
C CYS B 36 -13.52 4.25 -21.23
N ILE B 37 -13.71 4.67 -19.98
CA ILE B 37 -13.75 3.71 -18.88
C ILE B 37 -14.95 2.78 -19.05
N LEU B 38 -16.10 3.34 -19.43
CA LEU B 38 -17.28 2.50 -19.63
C LEU B 38 -17.07 1.53 -20.78
N ALA B 39 -16.47 2.01 -21.87
CA ALA B 39 -16.23 1.14 -23.03
C ALA B 39 -15.13 0.14 -22.76
N CYS B 40 -14.34 0.34 -21.72
CA CYS B 40 -13.39 -0.67 -21.28
C CYS B 40 -14.02 -1.66 -20.32
N CYS B 41 -15.06 -1.25 -19.61
CA CYS B 41 -15.76 -2.14 -18.69
C CYS B 41 -16.77 -3.03 -19.39
N TYR B 42 -17.41 -2.49 -20.42
CA TYR B 42 -18.47 -3.13 -21.23
C TYR B 42 -18.29 -4.65 -21.23
N PRO B 43 -17.13 -5.19 -21.66
CA PRO B 43 -16.93 -6.65 -21.77
C PRO B 43 -17.07 -7.37 -20.45
N LEU B 44 -16.80 -6.69 -19.33
CA LEU B 44 -16.72 -7.38 -18.04
C LEU B 44 -18.07 -7.96 -17.65
N LEU B 45 -19.17 -7.33 -18.05
CA LEU B 45 -20.49 -7.78 -17.65
C LEU B 45 -21.11 -8.77 -18.63
N LYS B 46 -20.76 -8.68 -19.92
CA LYS B 46 -21.35 -9.56 -20.92
C LYS B 46 -20.54 -10.83 -21.13
N LEU B 47 -19.26 -10.82 -20.83
CA LEU B 47 -18.40 -11.98 -21.01
C LEU B 47 -17.99 -12.58 -19.66
N VAL B 119 -14.78 -20.80 7.98
CA VAL B 119 -14.49 -19.70 8.91
C VAL B 119 -13.00 -19.39 8.87
N ALA B 120 -12.18 -20.45 8.85
CA ALA B 120 -10.73 -20.26 8.82
C ALA B 120 -10.33 -19.38 7.65
N GLU B 121 -10.82 -19.71 6.45
CA GLU B 121 -10.48 -18.95 5.22
C GLU B 121 -11.08 -17.55 5.25
N LEU B 122 -11.81 -17.17 6.32
CA LEU B 122 -12.44 -15.86 6.31
C LEU B 122 -11.58 -14.79 6.99
N ILE B 123 -11.30 -14.98 8.27
CA ILE B 123 -10.85 -13.90 9.14
C ILE B 123 -9.69 -13.12 8.54
N PRO B 124 -8.71 -13.75 7.87
CA PRO B 124 -7.64 -12.95 7.29
C PRO B 124 -8.14 -12.02 6.20
N LEU B 125 -9.07 -12.49 5.40
CA LEU B 125 -9.61 -11.67 4.32
C LEU B 125 -10.28 -10.42 4.89
N VAL B 126 -11.19 -10.62 5.85
CA VAL B 126 -11.92 -9.50 6.41
C VAL B 126 -10.97 -8.52 7.09
N THR B 127 -10.02 -9.03 7.88
CA THR B 127 -9.11 -8.10 8.54
C THR B 127 -8.27 -7.36 7.52
N THR B 128 -7.99 -7.99 6.38
CA THR B 128 -7.28 -7.31 5.31
C THR B 128 -8.10 -6.14 4.81
N TYR B 129 -9.39 -6.37 4.61
CA TYR B 129 -10.33 -5.30 4.16
C TYR B 129 -10.35 -4.18 5.21
N ILE B 130 -10.19 -4.55 6.49
CA ILE B 130 -10.18 -3.55 7.57
C ILE B 130 -8.95 -2.67 7.47
N ILE B 131 -7.78 -3.31 7.48
CA ILE B 131 -6.53 -2.61 7.19
C ILE B 131 -6.71 -1.63 6.05
N LEU B 132 -7.36 -2.09 4.99
CA LEU B 132 -7.57 -1.24 3.83
C LEU B 132 -8.33 0.03 4.19
N PHE B 133 -9.55 -0.15 4.70
CA PHE B 133 -10.40 1.00 5.02
C PHE B 133 -9.64 2.00 5.87
N ALA B 134 -8.90 1.51 6.86
CA ALA B 134 -8.24 2.42 7.77
C ALA B 134 -7.09 3.15 7.08
N TYR B 135 -6.35 2.44 6.24
CA TYR B 135 -5.34 3.06 5.40
C TYR B 135 -5.92 4.24 4.64
N ILE B 136 -7.11 4.03 4.07
CA ILE B 136 -7.77 5.10 3.32
C ILE B 136 -8.05 6.29 4.24
N TYR B 137 -8.75 6.03 5.33
CA TYR B 137 -9.11 7.10 6.25
C TYR B 137 -7.87 7.89 6.65
N PHE B 138 -6.74 7.20 6.81
CA PHE B 138 -5.54 7.88 7.26
C PHE B 138 -4.96 8.75 6.15
N SER B 139 -4.69 8.17 5.00
CA SER B 139 -4.08 8.95 3.93
C SER B 139 -4.98 10.07 3.45
N THR B 140 -6.26 10.06 3.82
CA THR B 140 -7.09 11.23 3.51
C THR B 140 -7.07 12.27 4.62
N ARG B 141 -7.14 11.83 5.88
CA ARG B 141 -6.99 12.79 6.98
C ARG B 141 -5.68 13.55 6.84
N LYS B 142 -4.61 12.85 6.46
CA LYS B 142 -3.33 13.50 6.20
C LYS B 142 -3.37 14.27 4.89
N ILE B 143 -4.21 13.84 3.96
CA ILE B 143 -4.24 14.45 2.63
C ILE B 143 -4.88 15.82 2.72
N ASP B 144 -5.91 15.94 3.54
CA ASP B 144 -6.66 17.18 3.57
C ASP B 144 -5.73 18.38 3.70
N MET B 145 -6.08 19.39 2.91
CA MET B 145 -5.42 20.72 2.78
C MET B 145 -6.50 21.80 2.71
N VAL B 146 -6.13 23.07 2.93
CA VAL B 146 -7.06 24.24 2.95
C VAL B 146 -7.69 24.42 1.55
N LYS B 147 -8.95 24.88 1.49
CA LYS B 147 -9.76 25.15 0.27
C LYS B 147 -9.99 23.88 -0.55
N SER B 148 -10.04 22.72 0.10
CA SER B 148 -10.32 21.39 -0.52
C SER B 148 -11.42 20.68 0.26
N LYS B 149 -12.49 20.23 -0.41
CA LYS B 149 -13.58 19.53 0.26
C LYS B 149 -13.23 18.07 0.52
N TRP B 150 -13.99 17.47 1.44
CA TRP B 150 -13.81 16.06 1.77
C TRP B 150 -13.91 15.18 0.53
N GLY B 151 -14.87 15.50 -0.34
CA GLY B 151 -15.16 14.62 -1.46
C GLY B 151 -13.95 14.28 -2.28
N LEU B 152 -12.91 15.10 -2.19
CA LEU B 152 -11.66 14.79 -2.89
C LEU B 152 -11.26 13.33 -2.68
N ALA B 153 -11.23 12.89 -1.43
CA ALA B 153 -10.85 11.51 -1.18
C ALA B 153 -11.80 10.55 -1.88
N LEU B 154 -13.09 10.86 -1.85
CA LEU B 154 -14.04 10.06 -2.62
C LEU B 154 -13.59 9.95 -4.07
N ALA B 155 -13.32 11.09 -4.70
CA ALA B 155 -12.81 11.05 -6.06
C ALA B 155 -11.56 10.19 -6.13
N ALA B 156 -10.65 10.40 -5.17
CA ALA B 156 -9.46 9.57 -5.13
C ALA B 156 -9.84 8.10 -5.15
N VAL B 157 -10.71 7.69 -4.23
CA VAL B 157 -11.18 6.31 -4.25
C VAL B 157 -11.60 5.95 -5.66
N VAL B 158 -12.56 6.71 -6.19
CA VAL B 158 -13.11 6.41 -7.50
C VAL B 158 -11.97 6.19 -8.48
N THR B 159 -11.02 7.14 -8.51
CA THR B 159 -9.90 7.02 -9.41
C THR B 159 -9.37 5.60 -9.39
N VAL B 160 -8.79 5.21 -8.25
CA VAL B 160 -8.15 3.92 -8.18
C VAL B 160 -9.11 2.83 -8.63
N LEU B 161 -10.33 2.85 -8.09
CA LEU B 161 -11.28 1.82 -8.45
C LEU B 161 -11.43 1.76 -9.95
N SER B 162 -11.81 2.89 -10.55
CA SER B 162 -11.99 2.89 -11.99
C SER B 162 -10.76 2.36 -12.69
N SER B 163 -9.59 2.81 -12.27
CA SER B 163 -8.37 2.36 -12.92
C SER B 163 -8.29 0.85 -12.84
N LEU B 164 -8.43 0.32 -11.63
CA LEU B 164 -8.43 -1.13 -11.44
C LEU B 164 -9.32 -1.81 -12.48
N LEU B 165 -10.57 -1.35 -12.59
CA LEU B 165 -11.49 -1.96 -13.53
C LEU B 165 -10.93 -1.88 -14.95
N MET B 166 -10.55 -0.68 -15.37
CA MET B 166 -9.99 -0.53 -16.72
C MET B 166 -8.97 -1.61 -17.00
N SER B 167 -8.23 -2.03 -15.97
CA SER B 167 -7.24 -3.08 -16.17
C SER B 167 -7.93 -4.40 -16.53
N VAL B 168 -8.73 -4.92 -15.60
CA VAL B 168 -9.24 -6.28 -15.76
C VAL B 168 -10.02 -6.41 -17.07
N GLY B 169 -10.97 -5.51 -17.28
CA GLY B 169 -11.79 -5.60 -18.48
C GLY B 169 -10.96 -5.50 -19.75
N LEU B 170 -9.84 -4.79 -19.69
CA LEU B 170 -8.98 -4.72 -20.86
C LEU B 170 -8.17 -6.00 -21.01
N CYS B 171 -7.78 -6.60 -19.89
CA CYS B 171 -7.08 -7.88 -19.96
C CYS B 171 -7.96 -8.95 -20.59
N THR B 172 -9.26 -8.91 -20.34
CA THR B 172 -10.19 -9.84 -20.96
C THR B 172 -10.25 -9.67 -22.47
N LEU B 173 -9.72 -8.57 -22.99
CA LEU B 173 -9.83 -8.29 -24.41
C LEU B 173 -8.79 -9.08 -25.21
N PHE B 174 -7.60 -9.25 -24.66
CA PHE B 174 -6.51 -9.90 -25.38
C PHE B 174 -6.47 -11.41 -25.16
N GLY B 175 -7.10 -11.91 -24.12
CA GLY B 175 -7.05 -13.32 -23.82
C GLY B 175 -6.31 -13.59 -22.52
N LEU B 176 -7.06 -13.84 -21.45
CA LEU B 176 -6.49 -14.09 -20.15
C LEU B 176 -7.28 -15.19 -19.45
N THR B 177 -6.59 -15.98 -18.64
CA THR B 177 -7.22 -17.02 -17.84
C THR B 177 -7.48 -16.49 -16.43
N PRO B 178 -8.69 -16.03 -16.13
CA PRO B 178 -8.95 -15.46 -14.81
C PRO B 178 -9.02 -16.53 -13.73
N THR B 179 -7.85 -17.04 -13.33
CA THR B 179 -7.80 -18.09 -12.33
C THR B 179 -8.10 -17.57 -10.94
N LEU B 180 -7.60 -16.38 -10.61
CA LEU B 180 -7.72 -15.84 -9.27
C LEU B 180 -9.07 -15.16 -9.05
N ASN B 181 -9.37 -14.94 -7.79
CA ASN B 181 -10.57 -14.21 -7.39
C ASN B 181 -10.23 -12.74 -7.19
N GLY B 182 -10.90 -11.88 -7.96
CA GLY B 182 -10.69 -10.46 -7.80
C GLY B 182 -11.02 -9.99 -6.40
N GLY B 183 -12.01 -10.63 -5.77
CA GLY B 183 -12.49 -10.19 -4.47
C GLY B 183 -11.40 -10.18 -3.41
N GLU B 184 -10.54 -11.20 -3.42
CA GLU B 184 -9.49 -11.28 -2.43
C GLU B 184 -8.33 -10.35 -2.77
N ILE B 185 -8.03 -10.21 -4.06
CA ILE B 185 -6.82 -9.51 -4.47
C ILE B 185 -6.98 -8.00 -4.33
N PHE B 186 -8.12 -7.46 -4.78
CA PHE B 186 -8.32 -6.01 -4.87
C PHE B 186 -7.58 -5.22 -3.80
N PRO B 187 -7.60 -5.61 -2.53
CA PRO B 187 -6.80 -4.88 -1.52
C PRO B 187 -5.33 -4.76 -1.85
N TYR B 188 -4.67 -5.86 -2.18
CA TYR B 188 -3.23 -5.79 -2.41
C TYR B 188 -2.92 -4.87 -3.59
N LEU B 189 -3.75 -4.92 -4.64
CA LEU B 189 -3.61 -3.97 -5.72
C LEU B 189 -3.63 -2.54 -5.19
N VAL B 190 -4.74 -2.18 -4.57
CA VAL B 190 -4.87 -0.85 -3.98
C VAL B 190 -3.60 -0.46 -3.25
N VAL B 191 -3.19 -1.30 -2.31
CA VAL B 191 -1.99 -1.04 -1.51
C VAL B 191 -0.78 -0.79 -2.39
N VAL B 192 -0.68 -1.49 -3.52
CA VAL B 192 0.51 -1.33 -4.35
C VAL B 192 0.50 -0.01 -5.08
N ILE B 193 -0.57 0.28 -5.82
CA ILE B 193 -0.57 1.52 -6.58
C ILE B 193 -0.70 2.72 -5.66
N GLY B 194 -1.40 2.56 -4.55
CA GLY B 194 -1.38 3.55 -3.51
C GLY B 194 -2.08 4.83 -3.91
N LEU B 195 -1.97 5.80 -3.01
CA LEU B 195 -2.64 7.08 -3.17
C LEU B 195 -1.70 8.26 -3.05
N GLU B 196 -0.40 8.04 -2.82
CA GLU B 196 0.51 9.15 -2.64
C GLU B 196 0.68 9.97 -3.91
N ASN B 197 0.61 9.34 -5.07
CA ASN B 197 0.95 10.00 -6.33
C ASN B 197 -0.05 11.08 -6.70
N VAL B 198 -1.03 11.35 -5.86
CA VAL B 198 -1.96 12.44 -6.07
C VAL B 198 -1.87 13.47 -4.94
N LEU B 199 -1.70 12.99 -3.71
CA LEU B 199 -1.53 13.92 -2.61
C LEU B 199 -0.24 14.71 -2.76
N VAL B 200 0.80 14.08 -3.30
CA VAL B 200 2.05 14.80 -3.52
C VAL B 200 1.79 16.05 -4.33
N LEU B 201 1.03 15.93 -5.42
CA LEU B 201 0.84 17.08 -6.29
C LEU B 201 -0.18 18.05 -5.72
N THR B 202 -1.19 17.55 -5.02
CA THR B 202 -2.10 18.47 -4.34
C THR B 202 -1.33 19.36 -3.37
N LYS B 203 -0.41 18.77 -2.62
CA LYS B 203 0.44 19.57 -1.74
C LYS B 203 1.30 20.52 -2.55
N SER B 204 1.86 20.05 -3.66
CA SER B 204 2.70 20.91 -4.49
C SER B 204 1.94 22.14 -4.95
N VAL B 205 0.68 21.97 -5.34
CA VAL B 205 -0.09 23.04 -5.97
C VAL B 205 -0.67 23.97 -4.91
N VAL B 206 -1.30 23.41 -3.88
CA VAL B 206 -1.92 24.27 -2.87
C VAL B 206 -0.87 25.19 -2.25
N SER B 207 0.38 24.73 -2.19
CA SER B 207 1.45 25.61 -1.73
C SER B 207 1.63 26.79 -2.66
N THR B 208 1.32 26.63 -3.93
CA THR B 208 1.41 27.74 -4.86
C THR B 208 0.49 28.85 -4.39
N PRO B 209 0.91 30.11 -4.49
CA PRO B 209 0.10 31.19 -3.90
C PRO B 209 -1.31 31.20 -4.42
N VAL B 210 -2.14 31.99 -3.74
CA VAL B 210 -3.57 32.06 -4.00
C VAL B 210 -3.87 33.36 -4.70
N ASP B 211 -2.84 33.97 -5.32
CA ASP B 211 -2.99 35.31 -5.96
C ASP B 211 -2.40 35.33 -7.38
N LEU B 212 -3.07 36.03 -8.33
CA LEU B 212 -2.71 36.31 -9.76
C LEU B 212 -2.97 35.12 -10.70
N GLU B 213 -3.54 34.02 -10.19
CA GLU B 213 -3.83 32.83 -11.05
C GLU B 213 -4.63 31.77 -10.28
N VAL B 214 -5.47 31.01 -11.00
CA VAL B 214 -6.31 29.91 -10.44
C VAL B 214 -5.94 28.65 -11.24
N LYS B 215 -5.55 28.90 -12.49
CA LYS B 215 -5.15 27.94 -13.50
C LYS B 215 -3.63 27.85 -13.64
N LEU B 216 -2.98 28.97 -13.93
CA LEU B 216 -1.53 28.98 -13.90
C LEU B 216 -1.01 28.47 -12.57
N ARG B 217 -1.82 28.58 -11.52
CA ARG B 217 -1.44 28.02 -10.22
C ARG B 217 -1.17 26.54 -10.33
N ILE B 218 -2.16 25.78 -10.82
CA ILE B 218 -1.95 24.34 -10.98
C ILE B 218 -0.90 24.08 -12.03
N ALA B 219 -0.80 24.96 -13.02
CA ALA B 219 0.23 24.81 -14.04
C ALA B 219 1.60 24.69 -13.38
N GLN B 220 1.93 25.68 -12.55
CA GLN B 220 3.21 25.67 -11.86
C GLN B 220 3.29 24.50 -10.89
N GLY B 221 2.20 24.24 -10.15
CA GLY B 221 2.23 23.17 -9.16
C GLY B 221 2.56 21.84 -9.79
N LEU B 222 2.10 21.62 -11.02
CA LEU B 222 2.37 20.38 -11.72
C LEU B 222 3.76 20.37 -12.32
N SER B 223 4.12 21.43 -13.02
CA SER B 223 5.46 21.53 -13.61
C SER B 223 6.55 21.26 -12.60
N SER B 224 6.27 21.44 -11.31
CA SER B 224 7.30 21.36 -10.30
C SER B 224 7.56 19.93 -9.81
N GLU B 225 6.65 19.00 -10.08
CA GLU B 225 6.79 17.63 -9.58
C GLU B 225 6.89 16.58 -10.68
N SER B 226 6.91 16.98 -11.95
CA SER B 226 7.01 16.04 -13.05
C SER B 226 8.11 15.00 -12.82
N TRP B 227 9.30 15.47 -12.45
CA TRP B 227 10.45 14.58 -12.36
C TRP B 227 10.23 13.50 -11.31
N SER B 228 9.77 13.89 -10.12
CA SER B 228 9.52 12.91 -9.07
C SER B 228 8.46 11.92 -9.50
N ILE B 229 7.39 12.43 -10.11
CA ILE B 229 6.34 11.57 -10.65
C ILE B 229 6.95 10.48 -11.51
N MET B 230 7.63 10.89 -12.58
CA MET B 230 8.11 9.92 -13.56
C MET B 230 9.16 8.99 -12.96
N LYS B 231 9.97 9.50 -12.04
CA LYS B 231 10.96 8.64 -11.39
C LYS B 231 10.28 7.56 -10.59
N ASN B 232 9.26 7.93 -9.81
CA ASN B 232 8.52 6.93 -9.04
C ASN B 232 7.86 5.91 -9.96
N MET B 233 7.27 6.37 -11.06
CA MET B 233 6.64 5.46 -11.99
C MET B 233 7.65 4.48 -12.56
N ALA B 234 8.81 4.99 -12.97
CA ALA B 234 9.83 4.13 -13.52
C ALA B 234 10.31 3.11 -12.50
N THR B 235 10.37 3.50 -11.23
CA THR B 235 10.76 2.54 -10.20
C THR B 235 9.73 1.44 -10.07
N GLU B 236 8.45 1.81 -10.02
CA GLU B 236 7.41 0.78 -9.96
C GLU B 236 7.46 -0.13 -11.18
N LEU B 237 7.72 0.43 -12.36
CA LEU B 237 7.88 -0.38 -13.54
C LEU B 237 9.00 -1.38 -13.37
N GLY B 238 10.17 -0.92 -12.95
CA GLY B 238 11.28 -1.84 -12.73
C GLY B 238 10.88 -2.96 -11.78
N ILE B 239 10.24 -2.59 -10.67
CA ILE B 239 9.78 -3.56 -9.70
C ILE B 239 8.94 -4.64 -10.37
N ILE B 240 7.89 -4.20 -11.06
CA ILE B 240 6.91 -5.16 -11.55
C ILE B 240 7.43 -5.94 -12.72
N LEU B 241 8.34 -5.36 -13.51
CA LEU B 241 9.01 -6.14 -14.54
C LEU B 241 9.83 -7.25 -13.91
N ILE B 242 10.60 -6.92 -12.87
CA ILE B 242 11.31 -7.97 -12.16
C ILE B 242 10.34 -9.04 -11.70
N GLY B 243 9.18 -8.62 -11.22
CA GLY B 243 8.17 -9.57 -10.79
C GLY B 243 7.78 -10.53 -11.89
N TYR B 244 7.33 -9.97 -13.01
CA TYR B 244 6.97 -10.77 -14.18
C TYR B 244 8.08 -11.73 -14.54
N PHE B 245 9.33 -11.39 -14.23
CA PHE B 245 10.46 -12.24 -14.59
C PHE B 245 10.60 -13.44 -13.66
N THR B 246 9.74 -13.56 -12.66
CA THR B 246 9.67 -14.78 -11.86
C THR B 246 8.71 -15.74 -12.54
N LEU B 247 9.23 -16.90 -12.93
CA LEU B 247 8.54 -17.76 -13.88
C LEU B 247 7.20 -18.29 -13.35
N VAL B 248 6.86 -17.96 -12.11
CA VAL B 248 5.63 -18.51 -11.52
C VAL B 248 4.42 -17.84 -12.18
N PRO B 249 3.33 -18.57 -12.41
CA PRO B 249 2.21 -18.00 -13.18
C PRO B 249 1.35 -17.02 -12.40
N ALA B 250 0.94 -17.39 -11.18
CA ALA B 250 0.06 -16.51 -10.40
C ALA B 250 0.62 -15.10 -10.32
N ILE B 251 1.92 -15.00 -10.06
CA ILE B 251 2.52 -13.71 -9.85
C ILE B 251 2.78 -13.02 -11.19
N GLN B 252 3.05 -13.79 -12.24
CA GLN B 252 3.05 -13.23 -13.59
C GLN B 252 1.75 -12.46 -13.84
N GLU B 253 0.63 -13.15 -13.64
CA GLU B 253 -0.69 -12.55 -13.84
C GLU B 253 -0.86 -11.31 -12.98
N PHE B 254 -0.55 -11.42 -11.69
CA PHE B 254 -0.73 -10.29 -10.80
C PHE B 254 0.11 -9.10 -11.24
N CYS B 255 1.37 -9.35 -11.59
CA CYS B 255 2.24 -8.28 -12.07
C CYS B 255 1.62 -7.59 -13.28
N LEU B 256 1.03 -8.37 -14.18
CA LEU B 256 0.40 -7.74 -15.34
C LEU B 256 -0.74 -6.83 -14.91
N PHE B 257 -1.61 -7.35 -14.05
CA PHE B 257 -2.73 -6.53 -13.58
C PHE B 257 -2.21 -5.23 -12.99
N ALA B 258 -1.13 -5.31 -12.22
CA ALA B 258 -0.66 -4.13 -11.53
C ALA B 258 -0.04 -3.13 -12.49
N VAL B 259 0.74 -3.61 -13.47
CA VAL B 259 1.36 -2.68 -14.42
C VAL B 259 0.27 -1.95 -15.19
N VAL B 260 -0.80 -2.65 -15.53
CA VAL B 260 -1.84 -2.01 -16.31
C VAL B 260 -2.61 -1.01 -15.45
N GLY B 261 -2.96 -1.42 -14.23
CA GLY B 261 -3.56 -0.46 -13.30
C GLY B 261 -2.68 0.74 -13.09
N LEU B 262 -1.36 0.55 -13.16
CA LEU B 262 -0.41 1.63 -12.94
C LEU B 262 -0.48 2.65 -14.07
N VAL B 263 -0.34 2.17 -15.31
CA VAL B 263 -0.45 3.06 -16.45
C VAL B 263 -1.80 3.77 -16.46
N SER B 264 -2.86 3.05 -16.09
CA SER B 264 -4.17 3.67 -16.07
C SER B 264 -4.23 4.75 -15.00
N ASP B 265 -3.64 4.49 -13.84
CA ASP B 265 -3.58 5.50 -12.80
C ASP B 265 -2.90 6.74 -13.34
N PHE B 266 -1.75 6.56 -13.96
CA PHE B 266 -1.05 7.68 -14.58
C PHE B 266 -1.99 8.50 -15.46
N PHE B 267 -2.51 7.86 -16.52
CA PHE B 267 -3.29 8.60 -17.50
C PHE B 267 -4.50 9.26 -16.86
N LEU B 268 -5.30 8.48 -16.14
CA LEU B 268 -6.56 9.00 -15.65
C LEU B 268 -6.35 10.01 -14.54
N GLN B 269 -5.41 9.73 -13.63
CA GLN B 269 -5.00 10.73 -12.66
C GLN B 269 -4.83 12.06 -13.33
N MET B 270 -3.94 12.11 -14.31
CA MET B 270 -3.75 13.40 -14.99
C MET B 270 -5.10 13.90 -15.47
N LEU B 271 -5.66 13.20 -16.45
CA LEU B 271 -6.76 13.74 -17.24
C LEU B 271 -7.93 14.18 -16.39
N PHE B 272 -8.17 13.51 -15.27
CA PHE B 272 -9.36 13.72 -14.46
C PHE B 272 -9.05 14.49 -13.19
N PHE B 273 -8.13 13.98 -12.38
CA PHE B 273 -7.82 14.62 -11.11
C PHE B 273 -7.31 16.03 -11.32
N THR B 274 -6.46 16.23 -12.34
CA THR B 274 -5.96 17.58 -12.58
C THR B 274 -7.11 18.54 -12.81
N THR B 275 -8.07 18.12 -13.63
CA THR B 275 -9.16 19.02 -14.01
C THR B 275 -10.10 19.27 -12.86
N VAL B 276 -10.37 18.24 -12.06
CA VAL B 276 -11.27 18.44 -10.93
C VAL B 276 -10.61 19.31 -9.89
N LEU B 277 -9.29 19.19 -9.73
CA LEU B 277 -8.60 20.11 -8.84
C LEU B 277 -8.66 21.53 -9.37
N SER B 278 -8.51 21.68 -10.69
CA SER B 278 -8.64 23.01 -11.29
C SER B 278 -10.01 23.60 -10.98
N ILE B 279 -11.06 22.81 -11.13
CA ILE B 279 -12.39 23.36 -10.98
C ILE B 279 -12.72 23.59 -9.50
N ASP B 280 -12.20 22.75 -8.61
CA ASP B 280 -12.36 23.01 -7.18
C ASP B 280 -11.66 24.31 -6.79
N ILE B 281 -10.44 24.51 -7.29
CA ILE B 281 -9.73 25.74 -6.97
C ILE B 281 -10.45 26.94 -7.58
N ARG B 282 -11.10 26.75 -8.73
CA ARG B 282 -11.88 27.84 -9.32
C ARG B 282 -13.07 28.17 -8.44
N ARG B 283 -13.84 27.15 -8.06
CA ARG B 283 -15.01 27.36 -7.20
C ARG B 283 -14.62 27.85 -5.81
N MET B 284 -13.37 27.69 -5.42
CA MET B 284 -12.91 28.22 -4.13
C MET B 284 -12.49 29.69 -4.25
N GLU B 285 -11.60 29.98 -5.20
CA GLU B 285 -11.17 31.36 -5.41
C GLU B 285 -12.34 32.24 -5.82
N LEU B 286 -13.03 31.87 -6.90
CA LEU B 286 -14.19 32.64 -7.34
C LEU B 286 -15.21 32.80 -6.24
N ALA B 287 -15.21 31.90 -5.26
CA ALA B 287 -16.10 32.01 -4.11
C ALA B 287 -15.40 32.73 -2.97
N ARG B 351 -18.96 23.34 -10.89
CA ARG B 351 -19.44 22.44 -9.85
C ARG B 351 -19.41 21.00 -10.34
N LEU B 352 -18.20 20.49 -10.59
CA LEU B 352 -18.02 19.16 -11.14
C LEU B 352 -17.88 18.07 -10.09
N ALA B 353 -17.55 18.42 -8.85
CA ALA B 353 -17.42 17.38 -7.82
C ALA B 353 -18.72 16.63 -7.62
N GLN B 354 -19.85 17.26 -7.94
CA GLN B 354 -21.14 16.57 -7.87
C GLN B 354 -21.21 15.45 -8.90
N ARG B 355 -20.92 15.76 -10.17
CA ARG B 355 -20.93 14.74 -11.21
C ARG B 355 -19.86 13.69 -10.98
N LEU B 356 -18.65 14.11 -10.61
CA LEU B 356 -17.60 13.16 -10.26
C LEU B 356 -18.06 12.22 -9.16
N ILE B 357 -18.62 12.79 -8.10
CA ILE B 357 -19.06 11.98 -6.95
C ILE B 357 -20.14 11.00 -7.36
N MET B 358 -21.15 11.46 -8.10
CA MET B 358 -22.26 10.59 -8.47
C MET B 358 -21.78 9.47 -9.40
N ALA B 359 -21.05 9.82 -10.46
CA ALA B 359 -20.50 8.81 -11.36
C ALA B 359 -19.65 7.81 -10.59
N GLY B 360 -18.78 8.30 -9.71
CA GLY B 360 -17.94 7.41 -8.94
C GLY B 360 -18.71 6.54 -7.98
N THR B 361 -19.83 7.03 -7.45
CA THR B 361 -20.64 6.21 -6.57
C THR B 361 -21.34 5.10 -7.34
N VAL B 362 -21.84 5.42 -8.53
CA VAL B 362 -22.41 4.38 -9.39
C VAL B 362 -21.34 3.34 -9.72
N VAL B 363 -20.14 3.79 -10.05
CA VAL B 363 -19.06 2.88 -10.42
C VAL B 363 -18.64 2.04 -9.21
N TRP B 364 -18.66 2.63 -8.02
CA TRP B 364 -18.29 1.89 -6.82
C TRP B 364 -19.32 0.84 -6.48
N ILE B 365 -20.60 1.15 -6.66
CA ILE B 365 -21.64 0.14 -6.49
C ILE B 365 -21.44 -0.99 -7.48
N GLY B 366 -21.20 -0.64 -8.74
CA GLY B 366 -20.93 -1.66 -9.75
C GLY B 366 -19.73 -2.53 -9.41
N ILE B 367 -18.70 -1.90 -8.83
CA ILE B 367 -17.48 -2.65 -8.49
C ILE B 367 -17.72 -3.57 -7.31
N LEU B 368 -18.40 -3.07 -6.27
CA LEU B 368 -18.79 -3.93 -5.17
C LEU B 368 -19.59 -5.12 -5.67
N VAL B 369 -20.47 -4.90 -6.64
CA VAL B 369 -21.27 -5.99 -7.19
C VAL B 369 -20.36 -6.98 -7.92
N TYR B 370 -19.50 -6.47 -8.80
CA TYR B 370 -18.63 -7.35 -9.58
C TYR B 370 -17.70 -8.16 -8.68
N THR B 371 -17.39 -7.64 -7.48
CA THR B 371 -16.50 -8.35 -6.58
C THR B 371 -17.27 -9.38 -5.74
N ASP B 372 -18.42 -8.99 -5.20
CA ASP B 372 -19.14 -9.88 -4.28
C ASP B 372 -19.56 -11.19 -4.94
N PRO B 373 -19.80 -11.27 -6.26
CA PRO B 373 -20.31 -12.51 -6.84
C PRO B 373 -19.26 -13.49 -7.33
N ALA B 374 -17.98 -13.11 -7.37
CA ALA B 374 -16.94 -13.98 -7.92
C ALA B 374 -16.12 -14.69 -6.86
N GLY B 375 -16.09 -14.21 -5.63
CA GLY B 375 -15.25 -14.78 -4.60
C GLY B 375 -16.01 -15.31 -3.40
N LEU B 376 -17.26 -15.72 -3.62
CA LEU B 376 -18.09 -16.24 -2.55
C LEU B 376 -18.63 -17.63 -2.91
C18 HC3 C . 2.63 -10.34 -1.85
C13 HC3 C . 1.91 -9.72 -3.02
C12 HC3 C . 0.47 -9.44 -2.63
C11 HC3 C . -0.32 -10.74 -2.44
C9 HC3 C . -0.22 -11.72 -3.60
C10 HC3 C . -0.91 -13.05 -3.34
C19 HC3 C . -0.31 -13.84 -2.18
C1 HC3 C . -2.37 -12.81 -3.05
C2 HC3 C . -3.19 -14.09 -3.04
C3 HC3 C . -3.08 -14.78 -4.38
O1 HC3 C . -3.91 -15.93 -4.36
C4 HC3 C . -1.63 -15.15 -4.64
C5 HC3 C . -0.73 -13.97 -4.51
C6 HC3 C . 0.23 -13.79 -5.43
C7 HC3 C . 1.23 -12.67 -5.38
C8 HC3 C . 1.21 -11.94 -4.05
C14 HC3 C . 1.87 -10.60 -4.25
C15 HC3 C . 3.29 -10.67 -4.73
C16 HC3 C . 3.78 -9.26 -4.46
C17 HC3 C . 2.74 -8.56 -3.60
C20 HC3 C . 3.48 -7.61 -2.68
C21 HC3 C . 2.57 -6.98 -1.65
C22 HC3 C . 4.14 -6.53 -3.54
C23 HC3 C . 4.49 -5.20 -2.87
C24 HC3 C . 5.85 -5.18 -2.19
C25 HC3 C . 6.86 -4.30 -2.92
C26 HC3 C . 8.18 -4.22 -2.15
C27 HC3 C . 7.10 -4.75 -4.36
O2 HC3 C . 6.31 -2.97 -2.96
#